data_3I06
#
_entry.id   3I06
#
_cell.length_a   82.967
_cell.length_b   82.967
_cell.length_c   101.895
_cell.angle_alpha   90.000
_cell.angle_beta   90.000
_cell.angle_gamma   120.000
#
_symmetry.space_group_name_H-M   'P 65 2 2'
#
loop_
_entity.id
_entity.type
_entity.pdbx_description
1 polymer Cruzipain
2 non-polymer 6-[(3,5-difluorophenyl)amino]-9-ethyl-9H-purine-2-carbonitrile
3 water water
#
_entity_poly.entity_id   1
_entity_poly.type   'polypeptide(L)'
_entity_poly.pdbx_seq_one_letter_code
;APAAVDWRARGAVTAVKDQGQCGSCWAFSAIGNVECQWFLAGHPLTNLSEQMLVSCDKTDSGCSGGLMNNAFEWIVQENN
GAVYTEDSYPYASGEGISPPCTTSGHTVGATITGHVELPQDEAQIAAWLAVNGPVAVAVDASSWMTYTGGVMTSCVSEQL
DHGVLLVGYNDSAAVPYWIIKNSWTTQWGEEGYIRIAKGSNQCLVKEEASSAVVG
;
_entity_poly.pdbx_strand_id   A
#
loop_
_chem_comp.id
_chem_comp.type
_chem_comp.name
_chem_comp.formula
QL2 non-polymer 6-[(3,5-difluorophenyl)amino]-9-ethyl-9H-purine-2-carbonitrile 'C14 H10 F2 N6'
#
# COMPACT_ATOMS: atom_id res chain seq x y z
N ALA A 1 17.50 15.06 0.63
CA ALA A 1 16.03 15.03 0.64
C ALA A 1 15.56 16.01 1.69
N PRO A 2 14.32 16.50 1.57
CA PRO A 2 13.80 17.38 2.60
C PRO A 2 13.74 16.74 3.97
N ALA A 3 13.70 17.55 5.00
CA ALA A 3 13.61 17.03 6.38
C ALA A 3 12.34 16.28 6.64
N ALA A 4 11.22 16.67 6.03
CA ALA A 4 9.92 16.02 6.28
C ALA A 4 9.08 16.15 5.06
N VAL A 5 8.29 15.11 4.81
CA VAL A 5 7.34 15.05 3.68
C VAL A 5 6.11 14.31 4.18
N ASP A 6 4.94 14.76 3.72
CA ASP A 6 3.72 14.02 3.99
C ASP A 6 2.80 14.20 2.79
N TRP A 7 2.68 13.15 2.01
CA TRP A 7 1.85 13.20 0.80
C TRP A 7 0.38 13.37 1.05
N ARG A 8 -0.08 13.14 2.28
CA ARG A 8 -1.44 13.52 2.61
C ARG A 8 -1.68 15.02 2.44
N ALA A 9 -0.64 15.82 2.76
CA ALA A 9 -0.78 17.27 2.63
C ALA A 9 -0.94 17.67 1.17
N ARG A 10 -0.54 16.86 0.22
CA ARG A 10 -0.73 17.10 -1.20
C ARG A 10 -2.09 16.67 -1.69
N GLY A 11 -2.89 16.03 -0.86
CA GLY A 11 -4.16 15.54 -1.31
C GLY A 11 -4.07 14.26 -2.11
N ALA A 12 -2.95 13.56 -2.00
CA ALA A 12 -2.66 12.43 -2.89
C ALA A 12 -3.10 11.09 -2.37
N VAL A 13 -3.67 11.01 -1.19
CA VAL A 13 -3.94 9.76 -0.52
C VAL A 13 -5.42 9.62 -0.27
N THR A 14 -6.01 8.48 -0.69
CA THR A 14 -7.42 8.22 -0.43
C THR A 14 -7.66 7.95 1.05
N ALA A 15 -8.92 7.96 1.43
CA ALA A 15 -9.29 7.62 2.83
C ALA A 15 -8.76 6.25 3.18
N VAL A 16 -8.54 6.05 4.47
CA VAL A 16 -8.15 4.72 4.97
C VAL A 16 -9.29 3.75 4.82
N LYS A 17 -8.97 2.57 4.32
CA LYS A 17 -9.90 1.52 3.98
CA LYS A 17 -9.96 1.58 4.00
C LYS A 17 -9.95 0.43 5.07
N ASP A 18 -10.76 -0.55 4.81
CA ASP A 18 -11.10 -1.61 5.78
C ASP A 18 -10.99 -2.95 5.12
N GLN A 19 -9.92 -3.67 5.30
CA GLN A 19 -9.76 -4.97 4.64
C GLN A 19 -10.69 -6.04 5.24
N GLY A 20 -11.13 -5.84 6.45
CA GLY A 20 -11.96 -6.85 7.11
C GLY A 20 -11.22 -8.14 7.32
N GLN A 21 -11.97 -9.24 7.35
CA GLN A 21 -11.47 -10.55 7.73
C GLN A 21 -10.90 -11.31 6.59
N CYS A 22 -10.14 -10.69 5.77
CA CYS A 22 -9.46 -11.19 4.58
C CYS A 22 -8.05 -10.77 4.62
N GLY A 23 -7.14 -11.64 4.26
CA GLY A 23 -5.71 -11.34 4.21
C GLY A 23 -5.29 -10.65 2.91
N SER A 24 -5.94 -9.52 2.66
CA SER A 24 -5.86 -8.76 1.40
C SER A 24 -5.03 -7.52 1.56
N CYS A 25 -4.23 -7.38 2.65
CA CYS A 25 -3.41 -6.21 2.82
C CYS A 25 -2.52 -5.89 1.64
N TRP A 26 -2.01 -6.94 0.97
CA TRP A 26 -1.12 -6.78 -0.18
C TRP A 26 -1.86 -6.02 -1.31
N ALA A 27 -3.14 -6.28 -1.46
CA ALA A 27 -3.98 -5.60 -2.46
C ALA A 27 -4.21 -4.17 -2.05
N PHE A 28 -4.52 -3.91 -0.79
CA PHE A 28 -4.70 -2.55 -0.35
C PHE A 28 -3.38 -1.75 -0.48
N SER A 29 -2.24 -2.36 -0.23
CA SER A 29 -0.94 -1.69 -0.36
C SER A 29 -0.69 -1.31 -1.85
N ALA A 30 -0.89 -2.29 -2.75
CA ALA A 30 -0.63 -2.07 -4.16
C ALA A 30 -1.59 -1.02 -4.72
N ILE A 31 -2.88 -1.17 -4.47
CA ILE A 31 -3.90 -0.28 -5.01
C ILE A 31 -3.77 1.10 -4.38
N GLY A 32 -3.49 1.22 -3.08
CA GLY A 32 -3.31 2.53 -2.53
C GLY A 32 -2.15 3.25 -3.18
N ASN A 33 -1.04 2.52 -3.47
CA ASN A 33 0.06 3.09 -4.20
C ASN A 33 -0.38 3.59 -5.58
N VAL A 34 -1.14 2.79 -6.32
CA VAL A 34 -1.64 3.19 -7.62
C VAL A 34 -2.51 4.43 -7.52
N GLU A 35 -3.39 4.48 -6.52
CA GLU A 35 -4.27 5.63 -6.36
C GLU A 35 -3.47 6.91 -6.27
N CYS A 36 -2.41 6.86 -5.44
CA CYS A 36 -1.55 8.05 -5.22
C CYS A 36 -0.82 8.44 -6.49
N GLN A 37 -0.22 7.44 -7.14
CA GLN A 37 0.51 7.73 -8.38
C GLN A 37 -0.40 8.29 -9.45
N TRP A 38 -1.63 7.78 -9.55
CA TRP A 38 -2.60 8.26 -10.58
C TRP A 38 -2.95 9.70 -10.34
N PHE A 39 -3.16 10.07 -9.06
CA PHE A 39 -3.37 11.48 -8.70
C PHE A 39 -2.18 12.35 -9.08
N LEU A 40 -0.97 11.91 -8.68
CA LEU A 40 0.26 12.67 -8.93
C LEU A 40 0.56 12.84 -10.38
N ALA A 41 0.07 11.92 -11.24
CA ALA A 41 0.24 11.95 -12.69
C ALA A 41 -0.81 12.86 -13.33
N GLY A 42 -1.47 13.72 -12.59
CA GLY A 42 -2.34 14.73 -13.15
C GLY A 42 -3.77 14.36 -13.32
N HIS A 43 -4.35 13.58 -12.44
CA HIS A 43 -5.71 13.16 -12.55
C HIS A 43 -6.40 13.35 -11.21
N PRO A 44 -7.74 13.43 -11.18
CA PRO A 44 -8.44 13.50 -9.89
C PRO A 44 -8.17 12.28 -9.05
N LEU A 45 -8.20 12.46 -7.74
CA LEU A 45 -8.03 11.34 -6.83
C LEU A 45 -9.23 10.41 -6.94
N THR A 46 -8.96 9.15 -7.20
CA THR A 46 -9.98 8.18 -7.53
C THR A 46 -9.73 6.92 -6.67
N ASN A 47 -10.78 6.38 -6.05
CA ASN A 47 -10.71 5.12 -5.38
CA ASN A 47 -10.68 5.11 -5.33
C ASN A 47 -10.68 3.99 -6.37
N LEU A 48 -9.73 3.08 -6.22
CA LEU A 48 -9.51 1.99 -7.15
C LEU A 48 -9.75 0.65 -6.46
N SER A 49 -9.76 -0.42 -7.25
CA SER A 49 -10.33 -1.69 -6.81
C SER A 49 -9.30 -2.69 -6.29
N GLU A 50 -9.37 -2.94 -4.97
CA GLU A 50 -8.67 -4.06 -4.38
C GLU A 50 -9.28 -5.41 -4.82
N GLN A 51 -10.60 -5.47 -4.94
CA GLN A 51 -11.26 -6.74 -5.26
C GLN A 51 -10.81 -7.29 -6.61
N MET A 52 -10.50 -6.42 -7.57
CA MET A 52 -9.94 -6.86 -8.85
C MET A 52 -8.76 -7.77 -8.58
N LEU A 53 -7.82 -7.34 -7.74
CA LEU A 53 -6.66 -8.18 -7.43
C LEU A 53 -7.06 -9.41 -6.62
N VAL A 54 -7.81 -9.24 -5.54
CA VAL A 54 -8.14 -10.36 -4.65
C VAL A 54 -8.82 -11.49 -5.45
N SER A 55 -9.76 -11.16 -6.31
CA SER A 55 -10.49 -12.15 -7.10
C SER A 55 -9.76 -12.64 -8.33
N CYS A 56 -9.01 -11.78 -9.03
CA CYS A 56 -8.55 -12.10 -10.40
C CYS A 56 -7.09 -12.40 -10.52
N ASP A 57 -6.26 -11.89 -9.61
CA ASP A 57 -4.81 -12.13 -9.70
C ASP A 57 -4.48 -13.46 -9.14
N LYS A 58 -4.31 -14.45 -10.00
CA LYS A 58 -4.05 -15.83 -9.54
C LYS A 58 -2.61 -16.13 -9.25
N THR A 59 -1.72 -15.18 -9.45
CA THR A 59 -0.35 -15.31 -8.94
CA THR A 59 -0.35 -15.30 -8.95
C THR A 59 -0.38 -15.18 -7.44
N ASP A 60 -1.18 -14.29 -6.94
CA ASP A 60 -1.37 -14.08 -5.50
C ASP A 60 -2.50 -14.98 -5.01
N SER A 61 -2.79 -14.91 -3.71
CA SER A 61 -3.62 -15.94 -3.05
C SER A 61 -4.81 -15.38 -2.35
N GLY A 62 -5.42 -14.32 -2.89
CA GLY A 62 -6.72 -13.85 -2.40
C GLY A 62 -6.62 -13.47 -0.94
N CYS A 63 -7.55 -13.98 -0.13
CA CYS A 63 -7.61 -13.71 1.31
C CYS A 63 -6.56 -14.47 2.07
N SER A 64 -5.78 -15.31 1.41
CA SER A 64 -4.69 -16.02 2.06
C SER A 64 -3.37 -15.28 1.96
N GLY A 65 -3.28 -14.18 1.25
CA GLY A 65 -2.04 -13.37 1.18
C GLY A 65 -1.59 -13.18 -0.25
N GLY A 66 -0.47 -12.48 -0.40
CA GLY A 66 0.03 -12.08 -1.69
C GLY A 66 1.14 -11.10 -1.49
N LEU A 67 1.64 -10.61 -2.63
CA LEU A 67 2.77 -9.66 -2.69
C LEU A 67 2.44 -8.54 -3.65
N MET A 68 2.73 -7.32 -3.29
CA MET A 68 2.54 -6.16 -4.14
C MET A 68 3.28 -6.29 -5.45
N ASN A 69 4.49 -6.84 -5.42
CA ASN A 69 5.25 -6.93 -6.67
C ASN A 69 4.58 -7.86 -7.65
N ASN A 70 4.00 -8.95 -7.17
CA ASN A 70 3.19 -9.79 -8.07
C ASN A 70 1.92 -9.13 -8.55
N ALA A 71 1.27 -8.38 -7.70
CA ALA A 71 0.06 -7.67 -8.10
C ALA A 71 0.36 -6.69 -9.24
N PHE A 72 1.46 -5.95 -9.12
CA PHE A 72 1.83 -4.99 -10.16
C PHE A 72 2.13 -5.69 -11.48
N GLU A 73 2.78 -6.86 -11.44
CA GLU A 73 3.02 -7.59 -12.67
C GLU A 73 1.69 -8.09 -13.23
N TRP A 74 0.80 -8.58 -12.41
CA TRP A 74 -0.50 -9.08 -12.94
C TRP A 74 -1.24 -7.97 -13.64
N ILE A 75 -1.29 -6.78 -13.06
CA ILE A 75 -1.99 -5.69 -13.67
C ILE A 75 -1.48 -5.45 -15.08
N VAL A 76 -0.17 -5.32 -15.21
CA VAL A 76 0.43 -5.05 -16.50
C VAL A 76 0.33 -6.18 -17.46
N GLN A 77 0.65 -7.39 -17.05
CA GLN A 77 0.77 -8.53 -17.96
CA GLN A 77 0.75 -8.53 -17.97
C GLN A 77 -0.55 -9.18 -18.26
N GLU A 78 -1.45 -9.26 -17.32
CA GLU A 78 -2.73 -9.93 -17.47
CA GLU A 78 -2.71 -9.97 -17.46
C GLU A 78 -3.89 -9.03 -17.62
N ASN A 79 -3.80 -7.76 -17.22
CA ASN A 79 -4.93 -6.88 -17.27
C ASN A 79 -4.68 -5.62 -18.16
N ASN A 80 -3.70 -5.66 -19.06
CA ASN A 80 -3.42 -4.54 -20.00
C ASN A 80 -3.13 -3.27 -19.29
N GLY A 81 -2.56 -3.33 -18.10
CA GLY A 81 -2.26 -2.14 -17.34
C GLY A 81 -3.43 -1.53 -16.60
N ALA A 82 -4.64 -2.06 -16.76
CA ALA A 82 -5.82 -1.45 -16.21
C ALA A 82 -6.04 -1.77 -14.74
N VAL A 83 -6.42 -0.73 -14.00
CA VAL A 83 -6.84 -0.85 -12.61
C VAL A 83 -8.25 -0.32 -12.57
N TYR A 84 -9.23 -1.16 -12.19
CA TYR A 84 -10.61 -0.73 -12.19
C TYR A 84 -10.94 0.18 -11.03
N THR A 85 -11.97 0.99 -11.21
CA THR A 85 -12.46 1.81 -10.11
C THR A 85 -13.05 0.92 -9.00
N GLU A 86 -12.97 1.44 -7.79
CA GLU A 86 -13.65 0.81 -6.64
CA GLU A 86 -13.62 0.81 -6.64
C GLU A 86 -15.11 0.68 -6.94
N ASP A 87 -15.75 1.73 -7.43
CA ASP A 87 -17.22 1.67 -7.61
CA ASP A 87 -17.20 1.69 -7.64
C ASP A 87 -17.61 0.59 -8.58
N SER A 88 -16.83 0.37 -9.62
CA SER A 88 -17.20 -0.61 -10.61
C SER A 88 -16.78 -2.03 -10.24
N TYR A 89 -15.90 -2.22 -9.26
CA TYR A 89 -15.45 -3.53 -8.80
C TYR A 89 -15.23 -3.43 -7.33
N PRO A 90 -16.34 -3.34 -6.55
CA PRO A 90 -16.22 -2.95 -5.17
C PRO A 90 -15.75 -4.08 -4.28
N TYR A 91 -15.32 -3.69 -3.07
CA TYR A 91 -14.70 -4.64 -2.16
C TYR A 91 -15.74 -5.51 -1.53
N ALA A 92 -15.64 -6.80 -1.70
CA ALA A 92 -16.67 -7.74 -1.30
C ALA A 92 -16.13 -8.77 -0.34
N SER A 93 -14.87 -8.66 0.11
CA SER A 93 -14.16 -9.75 0.82
C SER A 93 -14.09 -9.47 2.32
N GLY A 94 -14.77 -8.48 2.85
CA GLY A 94 -14.67 -8.13 4.25
C GLY A 94 -15.09 -9.20 5.24
N GLU A 95 -15.93 -10.13 4.84
CA GLU A 95 -16.31 -11.21 5.70
C GLU A 95 -15.50 -12.45 5.40
N GLY A 96 -14.43 -12.33 4.62
CA GLY A 96 -13.54 -13.40 4.33
C GLY A 96 -13.86 -14.23 3.11
N ILE A 97 -14.86 -13.88 2.31
CA ILE A 97 -15.21 -14.64 1.10
C ILE A 97 -14.98 -13.77 -0.10
N SER A 98 -13.95 -14.09 -0.88
CA SER A 98 -13.64 -13.38 -2.11
C SER A 98 -14.54 -13.92 -3.24
N PRO A 99 -15.35 -13.08 -3.89
CA PRO A 99 -16.12 -13.71 -5.01
CA PRO A 99 -16.16 -13.53 -5.08
C PRO A 99 -15.24 -14.12 -6.19
N PRO A 100 -15.76 -15.02 -7.07
CA PRO A 100 -15.05 -15.42 -8.28
CA PRO A 100 -14.99 -15.38 -8.27
C PRO A 100 -14.73 -14.16 -9.12
N CYS A 101 -13.63 -14.15 -9.85
CA CYS A 101 -13.30 -13.07 -10.78
C CYS A 101 -14.34 -12.92 -11.83
N THR A 102 -14.64 -11.69 -12.17
CA THR A 102 -15.34 -11.39 -13.44
C THR A 102 -14.48 -10.48 -14.27
N THR A 103 -14.30 -10.84 -15.54
CA THR A 103 -13.54 -10.02 -16.47
C THR A 103 -14.33 -8.96 -17.17
N SER A 104 -15.62 -9.11 -17.29
CA SER A 104 -16.56 -8.20 -18.00
CA SER A 104 -16.36 -8.14 -18.05
C SER A 104 -17.05 -7.11 -17.13
N GLY A 105 -17.28 -5.95 -17.69
CA GLY A 105 -18.19 -5.02 -17.13
C GLY A 105 -17.64 -3.97 -16.18
N HIS A 106 -16.38 -3.91 -15.91
CA HIS A 106 -15.81 -2.96 -14.95
C HIS A 106 -15.38 -1.69 -15.70
N THR A 107 -14.99 -0.67 -14.91
CA THR A 107 -14.57 0.65 -15.48
C THR A 107 -13.11 0.83 -15.15
N VAL A 108 -12.30 1.12 -16.15
CA VAL A 108 -10.90 1.44 -15.88
C VAL A 108 -10.83 2.79 -15.21
N GLY A 109 -10.09 2.82 -14.07
CA GLY A 109 -9.84 4.03 -13.32
C GLY A 109 -8.42 4.56 -13.38
N ALA A 110 -7.45 3.74 -13.78
CA ALA A 110 -6.05 4.14 -13.89
C ALA A 110 -5.39 3.13 -14.79
N THR A 111 -4.28 3.55 -15.37
CA THR A 111 -3.42 2.70 -16.18
C THR A 111 -1.99 2.78 -15.67
N ILE A 112 -1.34 1.64 -15.51
CA ILE A 112 0.09 1.58 -15.20
C ILE A 112 0.79 0.80 -16.27
N THR A 113 2.07 1.09 -16.46
CA THR A 113 2.93 0.40 -17.43
C THR A 113 3.97 -0.50 -16.78
N GLY A 114 4.14 -0.38 -15.46
CA GLY A 114 5.20 -1.15 -14.79
C GLY A 114 5.20 -0.78 -13.34
N HIS A 115 6.27 -1.21 -12.68
CA HIS A 115 6.52 -0.80 -11.32
C HIS A 115 8.02 -0.80 -11.06
N VAL A 116 8.44 -0.06 -10.05
CA VAL A 116 9.80 -0.04 -9.60
C VAL A 116 9.91 -0.75 -8.28
N GLU A 117 11.03 -1.41 -8.07
CA GLU A 117 11.42 -2.00 -6.74
C GLU A 117 12.66 -1.25 -6.34
N LEU A 118 12.60 -0.69 -5.11
CA LEU A 118 13.58 0.25 -4.64
C LEU A 118 14.70 -0.47 -3.88
N PRO A 119 15.87 0.18 -3.76
CA PRO A 119 16.95 -0.40 -2.98
C PRO A 119 16.54 -0.59 -1.53
N GLN A 120 17.18 -1.57 -0.90
CA GLN A 120 16.92 -1.89 0.50
C GLN A 120 17.70 -0.94 1.42
N ASP A 121 17.29 0.32 1.38
CA ASP A 121 18.06 1.43 2.02
CA ASP A 121 17.99 1.36 2.09
C ASP A 121 17.02 2.46 2.39
N GLU A 122 16.80 2.73 3.67
CA GLU A 122 15.80 3.71 4.08
C GLU A 122 16.08 5.09 3.51
N ALA A 123 17.33 5.51 3.45
CA ALA A 123 17.61 6.82 2.91
C ALA A 123 17.21 6.94 1.44
N GLN A 124 17.55 5.94 0.68
CA GLN A 124 17.17 5.97 -0.75
C GLN A 124 15.68 5.84 -0.95
N ILE A 125 15.00 5.06 -0.14
CA ILE A 125 13.52 5.00 -0.18
C ILE A 125 12.93 6.35 0.11
N ALA A 126 13.42 7.02 1.18
CA ALA A 126 12.91 8.36 1.53
C ALA A 126 13.17 9.34 0.40
N ALA A 127 14.36 9.31 -0.21
CA ALA A 127 14.65 10.25 -1.27
C ALA A 127 13.77 10.03 -2.44
N TRP A 128 13.49 8.79 -2.79
CA TRP A 128 12.55 8.48 -3.89
C TRP A 128 11.14 8.95 -3.56
N LEU A 129 10.69 8.64 -2.36
CA LEU A 129 9.34 9.04 -1.92
C LEU A 129 9.19 10.56 -1.94
N ALA A 130 10.24 11.27 -1.50
CA ALA A 130 10.16 12.74 -1.42
C ALA A 130 9.82 13.36 -2.76
N VAL A 131 10.34 12.77 -3.85
CA VAL A 131 10.12 13.27 -5.17
C VAL A 131 8.89 12.65 -5.84
N ASN A 132 8.72 11.36 -5.67
CA ASN A 132 7.82 10.58 -6.56
C ASN A 132 6.52 10.10 -5.89
N GLY A 133 6.42 10.16 -4.58
CA GLY A 133 5.18 9.83 -3.92
C GLY A 133 5.19 8.59 -3.07
N PRO A 134 4.03 8.19 -2.54
CA PRO A 134 3.92 7.07 -1.60
C PRO A 134 4.45 5.77 -2.17
N VAL A 135 4.99 4.93 -1.30
CA VAL A 135 5.69 3.69 -1.62
C VAL A 135 5.05 2.53 -0.94
N ALA A 136 4.70 1.48 -1.68
CA ALA A 136 4.22 0.26 -1.08
C ALA A 136 5.36 -0.48 -0.37
N VAL A 137 5.12 -0.98 0.84
CA VAL A 137 6.16 -1.73 1.57
C VAL A 137 5.58 -2.93 2.22
N ALA A 138 6.37 -4.01 2.24
CA ALA A 138 6.13 -5.15 3.13
C ALA A 138 6.71 -4.84 4.50
N VAL A 139 6.04 -5.33 5.56
CA VAL A 139 6.49 -5.15 6.93
C VAL A 139 6.20 -6.41 7.73
N ASP A 140 6.92 -6.51 8.84
CA ASP A 140 6.50 -7.33 9.98
C ASP A 140 5.61 -6.48 10.86
N ALA A 141 4.33 -6.78 10.82
CA ALA A 141 3.31 -6.06 11.62
C ALA A 141 2.93 -6.76 12.90
N SER A 142 3.76 -7.70 13.32
CA SER A 142 3.31 -8.50 14.47
CA SER A 142 3.55 -8.53 14.57
C SER A 142 3.27 -7.71 15.77
N SER A 143 3.97 -6.60 15.92
CA SER A 143 3.87 -5.80 17.10
C SER A 143 2.76 -4.74 17.03
N TRP A 144 1.95 -4.69 15.97
CA TRP A 144 1.06 -3.58 15.74
C TRP A 144 -0.29 -3.70 16.41
N MET A 145 -0.56 -4.81 17.08
CA MET A 145 -1.87 -5.11 17.65
CA MET A 145 -1.89 -5.04 17.61
C MET A 145 -2.12 -4.47 19.00
N THR A 146 -1.21 -3.63 19.45
CA THR A 146 -1.49 -2.81 20.63
C THR A 146 -1.25 -1.35 20.33
N TYR A 147 -0.92 -0.95 19.11
CA TYR A 147 -0.53 0.43 18.82
C TYR A 147 -1.69 1.34 18.98
N THR A 148 -1.50 2.41 19.78
CA THR A 148 -2.53 3.44 19.95
C THR A 148 -2.06 4.83 19.55
N GLY A 149 -0.85 5.00 19.17
CA GLY A 149 -0.31 6.27 18.85
C GLY A 149 1.11 6.39 19.31
N GLY A 150 1.78 7.40 18.77
CA GLY A 150 3.17 7.64 19.05
C GLY A 150 4.06 7.06 17.96
N VAL A 151 5.37 7.08 18.21
CA VAL A 151 6.36 6.53 17.32
C VAL A 151 6.82 5.20 17.86
N MET A 152 6.55 4.12 17.20
CA MET A 152 7.01 2.81 17.65
C MET A 152 8.47 2.57 17.40
N THR A 153 9.19 2.08 18.43
CA THR A 153 10.65 1.91 18.36
C THR A 153 11.19 0.55 18.60
N SER A 154 10.37 -0.36 18.96
CA SER A 154 11.09 -1.70 19.21
CA SER A 154 10.85 -1.68 19.44
C SER A 154 10.18 -2.81 18.73
N CYS A 155 9.77 -2.65 17.47
CA CYS A 155 8.88 -3.63 16.81
C CYS A 155 9.62 -4.86 16.52
N VAL A 156 8.94 -5.98 16.65
CA VAL A 156 9.43 -7.24 16.13
C VAL A 156 9.68 -7.09 14.67
N SER A 157 10.85 -7.48 14.22
CA SER A 157 11.32 -7.22 12.87
C SER A 157 11.98 -8.50 12.37
N GLU A 158 11.16 -9.49 12.12
CA GLU A 158 11.64 -10.84 11.85
C GLU A 158 11.09 -11.48 10.62
N GLN A 159 9.82 -11.26 10.27
CA GLN A 159 9.23 -11.90 9.13
C GLN A 159 8.23 -10.95 8.46
N LEU A 160 8.38 -10.74 7.16
CA LEU A 160 7.43 -9.95 6.43
C LEU A 160 6.09 -10.68 6.44
N ASP A 161 5.02 -10.01 6.86
CA ASP A 161 3.72 -10.68 7.01
C ASP A 161 2.55 -9.76 6.71
N HIS A 162 2.81 -8.55 6.17
CA HIS A 162 1.76 -7.59 5.94
CA HIS A 162 1.76 -7.57 5.85
C HIS A 162 2.30 -6.62 4.85
N GLY A 163 1.38 -5.88 4.24
CA GLY A 163 1.71 -4.84 3.26
C GLY A 163 0.97 -3.59 3.56
N VAL A 164 1.65 -2.47 3.47
CA VAL A 164 1.15 -1.15 3.83
C VAL A 164 1.73 -0.11 2.89
N LEU A 165 1.51 1.17 3.16
CA LEU A 165 1.91 2.25 2.24
C LEU A 165 2.61 3.33 3.01
N LEU A 166 3.88 3.61 2.70
CA LEU A 166 4.59 4.75 3.24
C LEU A 166 4.04 5.99 2.56
N VAL A 167 3.60 6.97 3.32
CA VAL A 167 3.10 8.24 2.78
C VAL A 167 3.99 9.40 3.13
N GLY A 168 4.96 9.24 4.02
CA GLY A 168 5.80 10.37 4.41
C GLY A 168 6.80 9.97 5.45
N TYR A 169 7.52 10.97 5.94
CA TYR A 169 8.54 10.79 6.98
C TYR A 169 8.79 12.11 7.60
N ASN A 170 9.47 12.09 8.76
CA ASN A 170 9.90 13.28 9.49
C ASN A 170 11.24 12.99 10.10
N ASP A 171 12.31 13.55 9.55
CA ASP A 171 13.66 13.40 10.07
C ASP A 171 14.01 14.40 11.16
N SER A 172 13.16 15.40 11.39
CA SER A 172 13.35 16.50 12.35
CA SER A 172 13.54 16.40 12.36
C SER A 172 12.99 16.11 13.75
N ALA A 173 12.09 15.16 13.88
CA ALA A 173 11.48 14.79 15.13
C ALA A 173 12.54 14.16 16.07
N ALA A 174 12.25 14.14 17.35
CA ALA A 174 13.19 13.61 18.33
C ALA A 174 13.50 12.13 18.08
N VAL A 175 12.50 11.39 17.63
CA VAL A 175 12.67 10.08 17.02
C VAL A 175 12.18 10.22 15.58
N PRO A 176 13.12 10.22 14.63
CA PRO A 176 12.71 10.27 13.20
CA PRO A 176 12.67 10.33 13.24
C PRO A 176 11.77 9.15 12.88
N TYR A 177 10.79 9.38 12.03
CA TYR A 177 9.75 8.39 11.78
C TYR A 177 9.31 8.33 10.31
N TRP A 178 8.79 7.18 9.95
CA TRP A 178 7.95 6.98 8.80
C TRP A 178 6.48 7.14 9.18
N ILE A 179 5.68 7.58 8.20
CA ILE A 179 4.22 7.68 8.30
C ILE A 179 3.65 6.64 7.40
N ILE A 180 2.86 5.71 7.94
CA ILE A 180 2.38 4.53 7.19
C ILE A 180 0.88 4.45 7.24
N LYS A 181 0.26 4.34 6.08
CA LYS A 181 -1.16 4.06 5.91
C LYS A 181 -1.41 2.56 6.02
N ASN A 182 -2.29 2.16 6.93
CA ASN A 182 -2.77 0.78 7.02
C ASN A 182 -4.15 0.65 6.41
N SER A 183 -4.73 -0.53 6.46
CA SER A 183 -6.04 -0.88 5.92
C SER A 183 -6.90 -1.49 7.02
N TRP A 184 -6.84 -0.90 8.19
CA TRP A 184 -7.55 -1.35 9.40
C TRP A 184 -8.52 -0.31 9.91
N THR A 185 -9.05 0.52 9.02
CA THR A 185 -9.97 1.63 9.30
C THR A 185 -9.25 2.77 10.01
N THR A 186 -9.95 3.92 10.10
CA THR A 186 -9.42 5.06 10.85
C THR A 186 -9.49 4.87 12.35
N GLN A 187 -10.10 3.79 12.82
CA GLN A 187 -10.29 3.55 14.27
C GLN A 187 -9.13 2.80 14.88
N TRP A 188 -8.09 2.49 14.13
CA TRP A 188 -6.82 1.97 14.65
C TRP A 188 -5.77 3.04 14.44
N GLY A 189 -4.87 3.19 15.41
CA GLY A 189 -3.72 4.05 15.28
C GLY A 189 -4.08 5.50 15.26
N GLU A 190 -3.30 6.28 14.50
CA GLU A 190 -3.49 7.72 14.41
C GLU A 190 -4.35 7.94 13.19
N GLU A 191 -5.66 7.85 13.35
CA GLU A 191 -6.62 7.94 12.25
CA GLU A 191 -6.60 7.99 12.23
C GLU A 191 -6.29 6.99 11.12
N GLY A 192 -5.84 5.79 11.49
CA GLY A 192 -5.57 4.73 10.52
C GLY A 192 -4.14 4.56 10.11
N TYR A 193 -3.29 5.45 10.61
CA TYR A 193 -1.87 5.49 10.30
C TYR A 193 -1.05 5.08 11.50
N ILE A 194 0.17 4.64 11.26
CA ILE A 194 1.16 4.35 12.29
C ILE A 194 2.43 5.09 11.94
N ARG A 195 3.09 5.61 12.98
CA ARG A 195 4.48 6.08 12.90
C ARG A 195 5.39 5.04 13.49
N ILE A 196 6.40 4.64 12.73
CA ILE A 196 7.46 3.77 13.19
C ILE A 196 8.75 4.50 13.06
N ALA A 197 9.73 4.22 13.92
CA ALA A 197 11.01 4.90 13.82
C ALA A 197 11.63 4.59 12.49
N LYS A 198 12.38 5.58 11.99
CA LYS A 198 13.07 5.55 10.71
C LYS A 198 14.57 5.53 10.98
N GLY A 199 15.26 4.67 10.24
CA GLY A 199 16.72 4.55 10.26
C GLY A 199 17.24 3.30 10.90
N SER A 200 16.40 2.43 11.49
CA SER A 200 16.80 1.20 12.13
C SER A 200 16.14 -0.02 11.55
N ASN A 201 15.64 0.08 10.35
CA ASN A 201 14.93 -1.00 9.68
C ASN A 201 13.84 -1.60 10.55
N GLN A 202 13.11 -0.74 11.24
CA GLN A 202 11.95 -1.18 12.02
C GLN A 202 10.97 -1.90 11.14
N CYS A 203 10.52 -3.06 11.61
CA CYS A 203 9.52 -3.83 10.90
C CYS A 203 9.96 -4.35 9.52
N LEU A 204 11.28 -4.33 9.32
CA LEU A 204 11.87 -4.75 8.03
C LEU A 204 11.37 -3.89 6.88
N VAL A 205 11.08 -2.60 7.17
CA VAL A 205 10.45 -1.69 6.22
C VAL A 205 11.25 -1.46 4.95
N LYS A 206 12.57 -1.62 4.97
CA LYS A 206 13.33 -1.34 3.74
CA LYS A 206 13.40 -1.39 3.79
C LYS A 206 13.37 -2.55 2.81
N GLU A 207 12.89 -3.71 3.22
CA GLU A 207 13.22 -4.92 2.48
CA GLU A 207 13.21 -4.92 2.51
C GLU A 207 12.52 -5.12 1.17
N GLU A 208 11.30 -4.61 1.02
CA GLU A 208 10.50 -4.86 -0.17
C GLU A 208 9.61 -3.68 -0.44
N ALA A 209 10.24 -2.59 -0.92
CA ALA A 209 9.59 -1.34 -1.25
C ALA A 209 9.39 -1.20 -2.72
N SER A 210 8.22 -0.74 -3.17
CA SER A 210 7.99 -0.59 -4.59
CA SER A 210 7.85 -0.73 -4.57
C SER A 210 6.90 0.41 -4.89
N SER A 211 6.80 0.80 -6.15
CA SER A 211 5.76 1.73 -6.59
C SER A 211 5.42 1.46 -8.03
N ALA A 212 4.13 1.63 -8.35
CA ALA A 212 3.69 1.61 -9.74
C ALA A 212 4.24 2.78 -10.54
N VAL A 213 4.29 2.57 -11.85
CA VAL A 213 4.64 3.55 -12.86
C VAL A 213 3.38 3.79 -13.71
N VAL A 214 2.78 4.97 -13.57
CA VAL A 214 1.60 5.34 -14.37
C VAL A 214 2.07 5.70 -15.74
N GLY A 215 1.31 5.30 -16.76
N GLY A 215 1.38 5.24 -16.78
CA GLY A 215 1.65 5.62 -18.13
CA GLY A 215 1.69 5.57 -18.18
C GLY A 215 0.60 5.17 -19.11
C GLY A 215 0.47 5.44 -19.07
N1 QL2 B . -0.45 -10.48 4.29
C2 QL2 B . -1.70 -10.43 4.80
N2 QL2 B . -3.47 -8.89 5.34
N3 QL2 B . -2.37 -11.45 5.30
C4 QL2 B . -1.67 -12.61 5.25
C5 QL2 B . -0.39 -12.79 4.74
C6 QL2 B . 0.24 -11.61 4.29
N6 QL2 B . 1.51 -11.67 3.81
N7 QL2 B . -0.02 -14.09 4.86
C8 QL2 B . -1.07 -14.69 5.42
N9 QL2 B . -2.09 -13.83 5.66
CAA QL2 B . -4.16 -14.94 5.31
CAA QL2 B . -2.98 -14.11 7.73
FAE QL2 B . 2.06 -7.49 1.54
FAF QL2 B . 5.79 -10.14 2.50
CAI QL2 B . 3.95 -8.78 2.02
CAJ QL2 B . 1.76 -9.50 2.67
CAK QL2 B . 3.67 -10.86 3.18
CAL QL2 B . -3.40 -14.18 6.32
CAS QL2 B . -2.35 -9.12 4.78
CAT QL2 B . 2.58 -8.61 2.05
CAU QL2 B . 4.45 -9.91 2.57
CAV QL2 B . 2.28 -10.67 3.21
#